data_5FII
#
_entry.id   5FII
#
_cell.length_a   36.140
_cell.length_b   37.410
_cell.length_c   64.080
_cell.angle_alpha   98.94
_cell.angle_beta   103.84
_cell.angle_gamma   94.79
#
_symmetry.space_group_name_H-M   'P 1'
#
loop_
_entity.id
_entity.type
_entity.pdbx_description
1 polymer PHENYLALANINE-4-HYDROXYLASE
2 non-polymer PHENYLALANINE
3 water water
#
_entity_poly.entity_id   1
_entity_poly.type   'polypeptide(L)'
_entity_poly.pdbx_seq_one_letter_code
;SMGQETSYIEDNCNQNGAISLIFSLKEEVGALAKVLRLFEENDVNLTHIESRPSRLKKDEYEFFTHLDKRSLPALTNIIK
ILRHDIGATVHELSRDKKKDTV
;
_entity_poly.pdbx_strand_id   A,B,C,D
#
# COMPACT_ATOMS: atom_id res chain seq x y z
N ALA A 18 19.92 -22.84 -20.58
CA ALA A 18 19.51 -21.46 -20.16
C ALA A 18 20.71 -20.51 -20.14
N ILE A 19 20.50 -19.29 -20.63
CA ILE A 19 21.47 -18.21 -20.46
C ILE A 19 21.45 -17.80 -18.99
N SER A 20 22.61 -17.78 -18.35
CA SER A 20 22.75 -17.42 -16.94
C SER A 20 23.71 -16.26 -16.85
N LEU A 21 23.32 -15.21 -16.12
CA LEU A 21 24.08 -13.99 -16.00
C LEU A 21 24.10 -13.59 -14.51
N ILE A 22 25.28 -13.32 -13.97
CA ILE A 22 25.42 -12.80 -12.60
C ILE A 22 25.98 -11.37 -12.65
N PHE A 23 25.43 -10.47 -11.84
CA PHE A 23 25.99 -9.12 -11.70
C PHE A 23 25.84 -8.56 -10.30
N SER A 24 26.68 -7.58 -9.99
CA SER A 24 26.74 -6.94 -8.67
C SER A 24 26.57 -5.44 -8.84
N LEU A 25 25.67 -4.87 -8.04
CA LEU A 25 25.31 -3.45 -8.12
C LEU A 25 25.57 -2.77 -6.81
N LYS A 26 25.99 -1.51 -6.89
CA LYS A 26 26.07 -0.64 -5.73
C LYS A 26 24.65 -0.38 -5.17
N GLU A 27 24.50 -0.43 -3.86
CA GLU A 27 23.19 -0.29 -3.19
C GLU A 27 22.67 1.15 -3.36
N GLU A 28 21.46 1.29 -3.90
CA GLU A 28 20.76 2.56 -3.90
C GLU A 28 19.37 2.30 -4.45
N VAL A 29 18.46 3.24 -4.20
CA VAL A 29 17.10 3.14 -4.74
C VAL A 29 17.21 3.16 -6.27
N GLY A 30 16.48 2.26 -6.92
CA GLY A 30 16.43 2.15 -8.37
C GLY A 30 17.64 1.49 -9.03
N ALA A 31 18.52 0.87 -8.26
CA ALA A 31 19.70 0.23 -8.80
C ALA A 31 19.30 -0.87 -9.78
N LEU A 32 18.47 -1.80 -9.32
CA LEU A 32 17.97 -2.83 -10.22
C LEU A 32 17.10 -2.28 -11.35
N ALA A 33 16.22 -1.32 -11.05
CA ALA A 33 15.31 -0.76 -12.06
C ALA A 33 16.08 -0.25 -13.29
N LYS A 34 17.25 0.35 -13.05
CA LYS A 34 18.10 0.87 -14.13
C LYS A 34 18.59 -0.26 -15.02
N VAL A 35 19.00 -1.36 -14.41
CA VAL A 35 19.46 -2.52 -15.16
C VAL A 35 18.32 -3.10 -16.01
N LEU A 36 17.14 -3.21 -15.41
CA LEU A 36 15.99 -3.79 -16.09
C LEU A 36 15.50 -2.91 -17.21
N ARG A 37 15.57 -1.61 -17.03
CA ARG A 37 15.31 -0.68 -18.14
C ARG A 37 16.27 -0.94 -19.32
N LEU A 38 17.56 -1.05 -19.03
CA LEU A 38 18.53 -1.41 -20.07
C LEU A 38 18.22 -2.73 -20.75
N PHE A 39 17.83 -3.74 -19.97
CA PHE A 39 17.44 -5.04 -20.53
C PHE A 39 16.24 -4.88 -21.47
N GLU A 40 15.17 -4.24 -20.98
CA GLU A 40 13.97 -4.02 -21.77
C GLU A 40 14.28 -3.31 -23.09
N GLU A 41 15.08 -2.26 -23.01
CA GLU A 41 15.45 -1.47 -24.20
C GLU A 41 16.24 -2.28 -25.23
N ASN A 42 16.91 -3.36 -24.80
CA ASN A 42 17.61 -4.29 -25.69
C ASN A 42 16.81 -5.56 -26.04
N ASP A 43 15.52 -5.56 -25.75
CA ASP A 43 14.62 -6.69 -25.95
C ASP A 43 15.08 -7.97 -25.23
N VAL A 44 15.63 -7.80 -24.03
CA VAL A 44 16.08 -8.89 -23.18
C VAL A 44 14.92 -9.24 -22.25
N ASN A 45 14.67 -10.53 -22.06
CA ASN A 45 13.52 -10.99 -21.30
C ASN A 45 13.96 -12.01 -20.26
N LEU A 46 13.61 -11.76 -19.01
CA LEU A 46 14.10 -12.58 -17.91
C LEU A 46 13.20 -13.74 -17.68
N THR A 47 13.79 -14.89 -17.34
CA THR A 47 13.01 -16.04 -16.87
C THR A 47 13.22 -16.34 -15.40
N HIS A 48 14.25 -15.75 -14.79
CA HIS A 48 14.51 -15.94 -13.37
C HIS A 48 15.35 -14.78 -12.85
N ILE A 49 15.05 -14.35 -11.62
CA ILE A 49 15.93 -13.45 -10.88
C ILE A 49 15.97 -13.81 -9.40
N GLU A 50 17.16 -13.68 -8.80
CA GLU A 50 17.24 -13.75 -7.36
C GLU A 50 18.39 -12.88 -6.91
N SER A 51 18.19 -12.23 -5.76
CA SER A 51 19.22 -11.40 -5.16
C SER A 51 19.81 -12.01 -3.89
N ARG A 52 21.02 -11.58 -3.60
CA ARG A 52 21.60 -11.74 -2.29
C ARG A 52 22.54 -10.58 -1.96
N PRO A 53 22.66 -10.26 -0.66
CA PRO A 53 23.66 -9.27 -0.30
C PRO A 53 25.06 -9.77 -0.66
N SER A 54 25.89 -8.88 -1.17
CA SER A 54 27.26 -9.27 -1.47
C SER A 54 28.01 -9.70 -0.19
N ARG A 55 28.75 -10.78 -0.30
CA ARG A 55 29.71 -11.17 0.74
C ARG A 55 31.05 -10.41 0.63
N LEU A 56 31.29 -9.81 -0.53
CA LEU A 56 32.53 -9.13 -0.85
C LEU A 56 32.55 -7.66 -0.42
N LYS A 57 31.41 -6.99 -0.57
CA LYS A 57 31.30 -5.55 -0.35
C LYS A 57 30.02 -5.31 0.42
N LYS A 58 30.13 -4.61 1.55
CA LYS A 58 28.94 -4.30 2.38
C LYS A 58 27.89 -3.43 1.67
N ASP A 59 28.30 -2.68 0.65
CA ASP A 59 27.39 -1.75 -0.03
C ASP A 59 26.90 -2.26 -1.40
N GLU A 60 26.89 -3.58 -1.61
CA GLU A 60 26.54 -4.17 -2.92
C GLU A 60 25.61 -5.34 -2.78
N TYR A 61 24.77 -5.53 -3.81
CA TYR A 61 23.89 -6.67 -3.94
C TYR A 61 24.21 -7.43 -5.18
N GLU A 62 24.14 -8.75 -5.12
CA GLU A 62 24.37 -9.58 -6.30
C GLU A 62 23.08 -10.13 -6.82
N PHE A 63 23.02 -10.31 -8.14
CA PHE A 63 21.80 -10.79 -8.82
C PHE A 63 22.15 -11.92 -9.76
N PHE A 64 21.44 -13.03 -9.62
CA PHE A 64 21.61 -14.18 -10.49
C PHE A 64 20.40 -14.19 -11.37
N THR A 65 20.58 -14.15 -12.68
CA THR A 65 19.43 -14.11 -13.61
C THR A 65 19.51 -15.19 -14.66
N HIS A 66 18.34 -15.65 -15.12
CA HIS A 66 18.23 -16.37 -16.38
C HIS A 66 17.53 -15.49 -17.41
N LEU A 67 18.00 -15.56 -18.65
CA LEU A 67 17.41 -14.86 -19.78
C LEU A 67 16.92 -15.89 -20.80
N ASP A 68 15.80 -15.61 -21.46
CA ASP A 68 15.32 -16.51 -22.50
C ASP A 68 16.23 -16.50 -23.75
N LYS A 69 16.11 -17.53 -24.56
CA LYS A 69 17.00 -17.72 -25.72
C LYS A 69 16.90 -16.58 -26.73
N ARG A 70 15.73 -15.97 -26.87
CA ARG A 70 15.59 -14.81 -27.80
C ARG A 70 16.42 -13.61 -27.39
N SER A 71 16.83 -13.55 -26.11
CA SER A 71 17.76 -12.55 -25.61
C SER A 71 19.22 -12.71 -26.05
N LEU A 72 19.58 -13.88 -26.59
CA LEU A 72 20.95 -14.18 -26.97
C LEU A 72 21.62 -13.15 -27.89
N PRO A 73 20.91 -12.62 -28.90
CA PRO A 73 21.59 -11.61 -29.73
C PRO A 73 21.98 -10.32 -29.01
N ALA A 74 21.36 -10.01 -27.88
CA ALA A 74 21.67 -8.83 -27.09
C ALA A 74 22.75 -9.08 -26.04
N LEU A 75 23.13 -10.35 -25.82
CA LEU A 75 23.87 -10.76 -24.62
C LEU A 75 25.25 -10.12 -24.49
N THR A 76 26.08 -10.28 -25.52
CA THR A 76 27.41 -9.67 -25.54
C THR A 76 27.32 -8.17 -25.28
N ASN A 77 26.36 -7.52 -25.91
CA ASN A 77 26.20 -6.10 -25.81
C ASN A 77 25.71 -5.57 -24.46
N ILE A 78 24.67 -6.19 -23.85
CA ILE A 78 24.22 -5.72 -22.52
C ILE A 78 25.29 -5.94 -21.46
N ILE A 79 26.09 -6.99 -21.61
CA ILE A 79 27.22 -7.18 -20.67
C ILE A 79 28.13 -5.95 -20.71
N LYS A 80 28.53 -5.56 -21.92
CA LYS A 80 29.40 -4.39 -22.09
C LYS A 80 28.76 -3.12 -21.56
N ILE A 81 27.46 -2.95 -21.81
CA ILE A 81 26.75 -1.78 -21.33
C ILE A 81 26.67 -1.75 -19.82
N LEU A 82 26.32 -2.87 -19.19
CA LEU A 82 26.31 -2.93 -17.73
C LEU A 82 27.65 -2.55 -17.16
N ARG A 83 28.72 -3.13 -17.70
CA ARG A 83 30.06 -2.79 -17.19
C ARG A 83 30.40 -1.31 -17.41
N HIS A 84 30.14 -0.85 -18.62
CA HIS A 84 30.51 0.51 -19.05
C HIS A 84 29.57 1.58 -18.51
N ASP A 85 28.29 1.45 -18.82
CA ASP A 85 27.32 2.50 -18.47
C ASP A 85 27.02 2.59 -16.97
N ILE A 86 27.06 1.45 -16.27
CA ILE A 86 26.59 1.33 -14.88
C ILE A 86 27.72 1.05 -13.90
N GLY A 87 28.88 0.58 -14.37
CA GLY A 87 29.95 0.19 -13.48
C GLY A 87 29.70 -1.08 -12.69
N ALA A 88 28.73 -1.89 -13.14
CA ALA A 88 28.47 -3.19 -12.54
C ALA A 88 29.60 -4.16 -12.83
N THR A 89 29.81 -5.10 -11.90
CA THR A 89 30.61 -6.29 -12.17
C THR A 89 29.64 -7.31 -12.74
N VAL A 90 29.99 -7.92 -13.86
CA VAL A 90 29.07 -8.77 -14.62
C VAL A 90 29.81 -9.96 -15.18
N HIS A 91 29.16 -11.13 -15.14
CA HIS A 91 29.73 -12.31 -15.74
C HIS A 91 28.64 -13.21 -16.29
N GLU A 92 28.80 -13.60 -17.56
CA GLU A 92 27.99 -14.65 -18.13
C GLU A 92 28.45 -15.98 -17.57
N LEU A 93 27.52 -16.81 -17.10
CA LEU A 93 27.85 -18.15 -16.54
C LEU A 93 27.44 -19.23 -17.54
N ALA B 18 -20.18 17.96 22.87
CA ALA B 18 -19.45 17.58 21.64
C ALA B 18 -19.71 18.55 20.47
N ILE B 19 -18.73 18.62 19.59
CA ILE B 19 -18.76 19.48 18.42
C ILE B 19 -19.35 18.62 17.30
N SER B 20 -20.36 19.10 16.58
CA SER B 20 -20.86 18.40 15.40
C SER B 20 -20.15 18.89 14.16
N LEU B 21 -19.60 17.97 13.35
CA LEU B 21 -18.98 18.31 12.08
C LEU B 21 -19.48 17.35 11.00
N ILE B 22 -20.09 17.93 9.97
CA ILE B 22 -20.73 17.15 8.91
C ILE B 22 -20.06 17.50 7.60
N PHE B 23 -19.62 16.50 6.86
CA PHE B 23 -18.89 16.78 5.62
C PHE B 23 -19.08 15.65 4.63
N SER B 24 -18.79 15.94 3.37
CA SER B 24 -18.85 14.95 2.30
C SER B 24 -17.48 14.77 1.66
N LEU B 25 -17.22 13.53 1.25
CA LEU B 25 -16.00 13.17 0.52
C LEU B 25 -16.31 12.45 -0.80
N LYS B 26 -15.51 12.72 -1.81
CA LYS B 26 -15.54 11.96 -3.05
C LYS B 26 -15.13 10.52 -2.76
N GLU B 27 -15.85 9.58 -3.35
CA GLU B 27 -15.60 8.15 -3.18
C GLU B 27 -14.26 7.72 -3.77
N GLU B 28 -13.44 7.13 -2.93
CA GLU B 28 -12.18 6.49 -3.37
C GLU B 28 -11.62 5.68 -2.20
N VAL B 29 -10.78 4.70 -2.47
CA VAL B 29 -10.09 3.99 -1.37
C VAL B 29 -9.31 5.03 -0.57
N GLY B 30 -9.37 4.95 0.75
CA GLY B 30 -8.61 5.83 1.62
C GLY B 30 -9.11 7.26 1.77
N ALA B 31 -10.32 7.53 1.27
CA ALA B 31 -10.92 8.88 1.36
C ALA B 31 -11.05 9.30 2.81
N LEU B 32 -11.59 8.43 3.64
CA LEU B 32 -11.83 8.81 5.03
C LEU B 32 -10.51 8.79 5.75
N ALA B 33 -9.65 7.83 5.42
CA ALA B 33 -8.28 7.75 6.02
C ALA B 33 -7.55 9.07 5.95
N LYS B 34 -7.59 9.71 4.80
CA LYS B 34 -6.91 11.01 4.61
C LYS B 34 -7.47 12.08 5.55
N VAL B 35 -8.79 12.12 5.73
CA VAL B 35 -9.40 13.07 6.64
C VAL B 35 -9.03 12.74 8.09
N LEU B 36 -9.06 11.47 8.47
CA LEU B 36 -8.76 11.15 9.86
C LEU B 36 -7.29 11.37 10.18
N ARG B 37 -6.39 11.22 9.22
CA ARG B 37 -4.97 11.55 9.44
C ARG B 37 -4.81 13.07 9.65
N LEU B 38 -5.54 13.88 8.90
CA LEU B 38 -5.56 15.32 9.12
C LEU B 38 -6.00 15.65 10.55
N PHE B 39 -7.12 15.04 10.95
CA PHE B 39 -7.66 15.24 12.29
C PHE B 39 -6.62 14.83 13.34
N GLU B 40 -6.04 13.65 13.18
CA GLU B 40 -5.00 13.16 14.12
C GLU B 40 -3.81 14.12 14.21
N GLU B 41 -3.34 14.64 13.09
CA GLU B 41 -2.22 15.62 13.09
C GLU B 41 -2.55 16.94 13.80
N ASN B 42 -3.83 17.23 14.00
CA ASN B 42 -4.30 18.44 14.69
C ASN B 42 -4.91 18.15 16.07
N ASP B 43 -4.65 16.96 16.59
CA ASP B 43 -5.09 16.55 17.89
C ASP B 43 -6.61 16.56 18.09
N VAL B 44 -7.31 16.24 17.03
CA VAL B 44 -8.75 16.14 17.03
C VAL B 44 -9.08 14.68 17.36
N ASN B 45 -9.99 14.51 18.30
CA ASN B 45 -10.41 13.21 18.76
C ASN B 45 -11.91 13.08 18.52
N LEU B 46 -12.31 11.98 17.87
CA LEU B 46 -13.72 11.75 17.58
C LEU B 46 -14.42 11.02 18.73
N THR B 47 -15.69 11.35 18.93
CA THR B 47 -16.57 10.59 19.82
C THR B 47 -17.70 9.86 19.07
N HIS B 48 -17.88 10.19 17.79
CA HIS B 48 -18.93 9.55 17.01
C HIS B 48 -18.65 9.73 15.51
N ILE B 49 -18.89 8.69 14.74
CA ILE B 49 -18.91 8.76 13.27
C ILE B 49 -20.01 7.83 12.69
N GLU B 50 -20.65 8.32 11.63
CA GLU B 50 -21.62 7.57 10.83
CA GLU B 50 -21.66 7.61 10.84
C GLU B 50 -21.50 8.06 9.39
N SER B 51 -21.51 7.12 8.45
CA SER B 51 -21.50 7.42 7.03
C SER B 51 -22.87 7.13 6.40
N ARG B 52 -23.16 7.79 5.28
CA ARG B 52 -24.30 7.45 4.41
C ARG B 52 -23.84 7.66 2.98
N PRO B 53 -24.27 6.81 2.04
CA PRO B 53 -24.06 7.24 0.64
C PRO B 53 -24.84 8.51 0.31
N SER B 54 -24.24 9.39 -0.47
CA SER B 54 -24.91 10.64 -0.84
C SER B 54 -25.99 10.30 -1.88
N ARG B 55 -27.18 10.80 -1.67
CA ARG B 55 -28.23 10.77 -2.69
C ARG B 55 -28.17 12.04 -3.56
N LEU B 56 -27.81 13.17 -2.95
CA LEU B 56 -27.75 14.45 -3.66
C LEU B 56 -26.56 14.68 -4.58
N LYS B 57 -25.49 13.89 -4.42
CA LYS B 57 -24.24 14.03 -5.19
C LYS B 57 -23.85 12.65 -5.68
N LYS B 58 -23.44 12.55 -6.93
CA LYS B 58 -22.98 11.27 -7.45
C LYS B 58 -21.62 11.00 -6.81
N ASP B 59 -21.42 9.73 -6.45
CA ASP B 59 -20.09 9.23 -6.06
C ASP B 59 -19.47 9.95 -4.88
N GLU B 60 -20.34 10.24 -3.90
CA GLU B 60 -19.91 10.85 -2.66
C GLU B 60 -20.51 10.11 -1.47
N TYR B 61 -19.82 10.21 -0.33
CA TYR B 61 -20.34 9.78 0.94
C TYR B 61 -20.42 10.97 1.90
N GLU B 62 -21.47 10.97 2.71
CA GLU B 62 -21.70 11.94 3.75
C GLU B 62 -21.27 11.34 5.09
N PHE B 63 -20.63 12.18 5.91
CA PHE B 63 -20.12 11.80 7.21
C PHE B 63 -20.65 12.72 8.28
N PHE B 64 -21.17 12.13 9.35
CA PHE B 64 -21.69 12.84 10.50
C PHE B 64 -20.75 12.49 11.62
N THR B 65 -20.03 13.48 12.11
CA THR B 65 -19.07 13.27 13.21
C THR B 65 -19.38 14.13 14.41
N HIS B 66 -18.96 13.60 15.57
CA HIS B 66 -18.84 14.40 16.77
C HIS B 66 -17.39 14.38 17.24
N LEU B 67 -16.93 15.54 17.69
CA LEU B 67 -15.55 15.73 18.16
C LEU B 67 -15.64 16.12 19.63
N ASP B 68 -14.68 15.67 20.46
CA ASP B 68 -14.67 16.11 21.86
C ASP B 68 -14.27 17.59 21.98
N LYS B 69 -14.60 18.20 23.11
CA LYS B 69 -14.32 19.62 23.32
C LYS B 69 -12.85 19.99 23.24
N ARG B 70 -11.96 19.09 23.64
CA ARG B 70 -10.51 19.31 23.52
C ARG B 70 -10.05 19.54 22.08
N SER B 71 -10.87 19.12 21.10
CA SER B 71 -10.58 19.36 19.68
C SER B 71 -10.77 20.80 19.25
N LEU B 72 -11.44 21.62 20.07
CA LEU B 72 -11.77 23.01 19.70
C LEU B 72 -10.68 23.86 19.05
N PRO B 73 -9.45 23.85 19.61
CA PRO B 73 -8.42 24.74 19.02
C PRO B 73 -8.10 24.49 17.54
N ALA B 74 -8.35 23.28 17.07
CA ALA B 74 -8.06 22.88 15.69
C ALA B 74 -9.17 23.17 14.68
N LEU B 75 -10.38 23.55 15.11
CA LEU B 75 -11.54 23.56 14.18
C LEU B 75 -11.32 24.44 12.98
N THR B 76 -10.92 25.68 13.22
CA THR B 76 -10.71 26.63 12.13
C THR B 76 -9.75 26.08 11.10
N ASN B 77 -8.63 25.53 11.56
CA ASN B 77 -7.62 24.96 10.67
C ASN B 77 -8.12 23.73 9.86
N ILE B 78 -8.79 22.79 10.52
CA ILE B 78 -9.24 21.59 9.81
C ILE B 78 -10.35 21.93 8.79
N ILE B 79 -11.20 22.89 9.12
CA ILE B 79 -12.27 23.30 8.21
C ILE B 79 -11.69 23.93 6.94
N LYS B 80 -10.72 24.83 7.14
CA LYS B 80 -9.93 25.46 6.07
C LYS B 80 -9.32 24.42 5.12
N ILE B 81 -8.68 23.42 5.72
CA ILE B 81 -7.97 22.37 4.98
C ILE B 81 -8.96 21.48 4.24
N LEU B 82 -10.03 21.07 4.92
CA LEU B 82 -11.10 20.31 4.27
C LEU B 82 -11.68 21.02 3.03
N ARG B 83 -11.98 22.31 3.17
CA ARG B 83 -12.55 23.11 2.06
C ARG B 83 -11.57 23.39 0.90
N HIS B 84 -10.36 23.80 1.21
CA HIS B 84 -9.38 24.17 0.19
C HIS B 84 -8.61 22.94 -0.28
N ASP B 85 -8.09 22.19 0.68
CA ASP B 85 -6.99 21.26 0.45
C ASP B 85 -7.52 19.90 0.00
N ILE B 86 -8.32 19.25 0.87
CA ILE B 86 -8.86 17.93 0.55
C ILE B 86 -9.95 18.01 -0.54
N GLY B 87 -10.58 19.18 -0.72
CA GLY B 87 -11.68 19.32 -1.66
C GLY B 87 -12.97 18.64 -1.15
N ALA B 88 -13.03 18.40 0.16
CA ALA B 88 -14.23 17.86 0.80
C ALA B 88 -15.25 18.97 0.82
N THR B 89 -16.52 18.64 0.99
CA THR B 89 -17.51 19.66 1.21
C THR B 89 -17.81 19.67 2.70
N VAL B 90 -17.64 20.81 3.37
CA VAL B 90 -18.06 20.94 4.75
C VAL B 90 -19.47 21.50 4.75
N HIS B 91 -20.41 20.74 5.31
CA HIS B 91 -21.81 21.15 5.37
C HIS B 91 -22.18 21.93 6.62
N GLU B 92 -21.64 21.53 7.75
CA GLU B 92 -22.07 22.13 9.00
C GLU B 92 -21.05 21.89 10.10
N LEU B 93 -20.83 22.93 10.89
CA LEU B 93 -20.14 22.85 12.16
C LEU B 93 -21.07 23.46 13.18
N SER B 94 -21.36 22.76 14.26
CA SER B 94 -22.15 23.34 15.36
C SER B 94 -21.74 22.82 16.73
N ARG B 95 -22.11 23.63 17.73
CA ARG B 95 -21.59 23.62 19.12
C ARG B 95 -20.08 23.39 19.20
N ALA C 18 11.56 -4.90 8.02
CA ALA C 18 11.44 -5.24 6.57
C ALA C 18 10.02 -5.67 6.20
N ILE C 19 9.55 -5.19 5.06
CA ILE C 19 8.18 -5.37 4.60
C ILE C 19 8.22 -6.49 3.55
N SER C 20 7.42 -7.52 3.74
CA SER C 20 7.30 -8.58 2.77
C SER C 20 6.17 -8.26 1.81
N LEU C 21 6.46 -8.32 0.51
CA LEU C 21 5.45 -8.08 -0.53
C LEU C 21 5.62 -9.12 -1.62
N ILE C 22 4.57 -9.89 -1.84
CA ILE C 22 4.55 -10.98 -2.79
C ILE C 22 3.43 -10.70 -3.76
N PHE C 23 3.75 -10.66 -5.06
CA PHE C 23 2.79 -10.35 -6.13
C PHE C 23 3.09 -11.12 -7.41
N SER C 24 2.09 -11.27 -8.27
CA SER C 24 2.26 -11.86 -9.61
C SER C 24 2.17 -10.80 -10.70
N LEU C 25 2.93 -11.01 -11.78
CA LEU C 25 2.83 -10.22 -13.00
C LEU C 25 2.58 -11.12 -14.20
N LYS C 26 1.86 -10.56 -15.18
CA LYS C 26 1.73 -11.16 -16.50
C LYS C 26 3.07 -11.15 -17.22
N GLU C 27 3.40 -12.25 -17.86
CA GLU C 27 4.66 -12.39 -18.57
C GLU C 27 4.67 -11.50 -19.79
N GLU C 28 5.68 -10.64 -19.85
CA GLU C 28 5.96 -9.81 -21.02
C GLU C 28 7.32 -9.16 -20.82
N VAL C 29 7.97 -8.76 -21.91
CA VAL C 29 9.23 -8.03 -21.79
C VAL C 29 8.95 -6.75 -20.98
N GLY C 30 9.82 -6.46 -20.02
CA GLY C 30 9.73 -5.22 -19.24
C GLY C 30 8.68 -5.19 -18.15
N ALA C 31 8.10 -6.35 -17.84
CA ALA C 31 7.07 -6.48 -16.79
C ALA C 31 7.61 -6.01 -15.46
N LEU C 32 8.76 -6.56 -15.08
CA LEU C 32 9.36 -6.21 -13.79
C LEU C 32 9.93 -4.78 -13.75
N ALA C 33 10.54 -4.36 -14.84
CA ALA C 33 11.04 -2.99 -14.99
C ALA C 33 9.99 -1.93 -14.65
N LYS C 34 8.76 -2.15 -15.13
CA LYS C 34 7.67 -1.21 -14.86
C LYS C 34 7.35 -1.12 -13.38
N VAL C 35 7.29 -2.26 -12.69
CA VAL C 35 7.07 -2.28 -11.25
C VAL C 35 8.23 -1.65 -10.48
N LEU C 36 9.46 -1.92 -10.90
CA LEU C 36 10.58 -1.37 -10.19
C LEU C 36 10.67 0.14 -10.43
N ARG C 37 10.21 0.60 -11.60
CA ARG C 37 10.11 2.07 -11.85
C ARG C 37 9.10 2.71 -10.88
N LEU C 38 7.90 2.12 -10.75
CA LEU C 38 6.94 2.55 -9.72
C LEU C 38 7.59 2.63 -8.31
N PHE C 39 8.26 1.56 -7.90
CA PHE C 39 8.92 1.53 -6.61
C PHE C 39 9.93 2.66 -6.48
N GLU C 40 10.80 2.77 -7.47
CA GLU C 40 11.83 3.81 -7.51
C GLU C 40 11.25 5.23 -7.37
N GLU C 41 10.16 5.48 -8.09
CA GLU C 41 9.51 6.79 -8.08
C GLU C 41 8.84 7.12 -6.75
N ASN C 42 8.56 6.09 -5.96
CA ASN C 42 8.02 6.22 -4.62
C ASN C 42 9.06 6.09 -3.49
N ASP C 43 10.34 6.11 -3.86
CA ASP C 43 11.45 5.96 -2.95
C ASP C 43 11.43 4.66 -2.13
N VAL C 44 10.96 3.59 -2.78
CA VAL C 44 10.89 2.26 -2.21
C VAL C 44 12.23 1.59 -2.58
N ASN C 45 12.81 0.94 -1.59
CA ASN C 45 14.12 0.29 -1.70
C ASN C 45 13.95 -1.19 -1.36
N LEU C 46 14.39 -2.06 -2.27
CA LEU C 46 14.31 -3.51 -2.03
C LEU C 46 15.58 -3.99 -1.33
N THR C 47 15.41 -5.00 -0.47
CA THR C 47 16.49 -5.74 0.13
C THR C 47 16.54 -7.19 -0.34
N HIS C 48 15.50 -7.64 -1.04
CA HIS C 48 15.47 -8.99 -1.57
C HIS C 48 14.46 -9.10 -2.72
N ILE C 49 14.82 -9.89 -3.73
CA ILE C 49 13.88 -10.25 -4.77
C ILE C 49 14.16 -11.65 -5.23
N GLU C 50 13.08 -12.40 -5.47
CA GLU C 50 13.18 -13.70 -6.11
C GLU C 50 11.95 -13.95 -6.96
N SER C 51 12.13 -14.52 -8.14
CA SER C 51 11.01 -14.88 -8.99
C SER C 51 10.81 -16.39 -9.04
N ARG C 52 9.62 -16.76 -9.48
CA ARG C 52 9.25 -18.13 -9.74
C ARG C 52 8.15 -18.14 -10.81
N PRO C 53 8.22 -19.05 -11.80
CA PRO C 53 7.03 -19.16 -12.66
C PRO C 53 5.83 -19.58 -11.82
N SER C 54 4.66 -19.01 -12.10
CA SER C 54 3.47 -19.21 -11.25
C SER C 54 2.89 -20.62 -11.34
N LYS C 57 -1.27 -20.19 -12.58
CA LYS C 57 -1.46 -19.34 -13.75
C LYS C 57 -0.25 -19.44 -14.66
N LYS C 58 -0.44 -20.09 -15.82
CA LYS C 58 0.63 -20.44 -16.76
C LYS C 58 1.43 -19.26 -17.30
N ASP C 59 0.77 -18.12 -17.54
CA ASP C 59 1.44 -16.99 -18.19
C ASP C 59 1.85 -15.90 -17.20
N GLU C 60 2.11 -16.26 -15.95
CA GLU C 60 2.52 -15.29 -14.96
C GLU C 60 3.76 -15.74 -14.21
N TYR C 61 4.39 -14.78 -13.57
CA TYR C 61 5.47 -15.01 -12.63
C TYR C 61 5.09 -14.44 -11.28
N GLU C 62 5.51 -15.13 -10.20
CA GLU C 62 5.37 -14.64 -8.86
C GLU C 62 6.70 -14.04 -8.42
N PHE C 63 6.60 -12.94 -7.68
CA PHE C 63 7.74 -12.24 -7.15
C PHE C 63 7.64 -12.11 -5.65
N PHE C 64 8.72 -12.52 -4.98
CA PHE C 64 8.87 -12.40 -3.53
C PHE C 64 9.84 -11.25 -3.28
N THR C 65 9.36 -10.18 -2.68
CA THR C 65 10.22 -9.04 -2.40
C THR C 65 10.22 -8.70 -0.93
N HIS C 66 11.33 -8.17 -0.44
CA HIS C 66 11.34 -7.41 0.79
C HIS C 66 11.76 -5.96 0.53
N LEU C 67 11.05 -5.04 1.20
CA LEU C 67 11.28 -3.60 1.12
C LEU C 67 11.83 -3.19 2.47
N ASP C 68 12.77 -2.24 2.48
CA ASP C 68 13.27 -1.73 3.76
C ASP C 68 12.17 -0.88 4.46
N LYS C 69 12.35 -0.69 5.77
CA LYS C 69 11.38 0.00 6.61
C LYS C 69 11.13 1.45 6.17
N ARG C 70 12.18 2.10 5.65
CA ARG C 70 12.06 3.42 5.05
C ARG C 70 11.06 3.53 3.89
N SER C 71 10.73 2.40 3.26
CA SER C 71 9.73 2.34 2.20
C SER C 71 8.28 2.47 2.70
N LEU C 72 8.05 2.39 4.02
CA LEU C 72 6.69 2.30 4.57
C LEU C 72 5.77 3.44 4.13
N PRO C 73 6.27 4.69 4.09
CA PRO C 73 5.35 5.77 3.70
C PRO C 73 4.79 5.66 2.29
N ALA C 74 5.45 4.88 1.44
CA ALA C 74 5.02 4.61 0.07
C ALA C 74 3.99 3.50 -0.12
N LEU C 75 3.76 2.65 0.89
CA LEU C 75 3.01 1.41 0.70
C LEU C 75 1.63 1.59 0.11
N THR C 76 0.86 2.53 0.66
CA THR C 76 -0.51 2.68 0.17
C THR C 76 -0.50 3.09 -1.32
N ASN C 77 0.43 3.96 -1.71
CA ASN C 77 0.48 4.38 -3.10
C ASN C 77 0.96 3.28 -4.04
N ILE C 78 2.03 2.57 -3.68
CA ILE C 78 2.48 1.51 -4.57
C ILE C 78 1.47 0.38 -4.68
N ILE C 79 0.74 0.07 -3.62
CA ILE C 79 -0.32 -0.95 -3.68
C ILE C 79 -1.45 -0.49 -4.61
N LYS C 80 -1.86 0.76 -4.50
CA LYS C 80 -2.88 1.32 -5.39
C LYS C 80 -2.51 1.10 -6.87
N ILE C 81 -1.29 1.51 -7.20
CA ILE C 81 -0.85 1.53 -8.59
C ILE C 81 -0.60 0.10 -9.06
N LEU C 82 0.04 -0.71 -8.21
CA LEU C 82 0.24 -2.12 -8.53
C LEU C 82 -1.08 -2.84 -8.88
N ARG C 83 -2.09 -2.64 -8.03
CA ARG C 83 -3.36 -3.38 -8.17
C ARG C 83 -4.18 -2.86 -9.32
N HIS C 84 -4.32 -1.54 -9.42
CA HIS C 84 -5.35 -0.94 -10.31
C HIS C 84 -4.83 -0.34 -11.61
N ASP C 85 -3.52 -0.12 -11.72
CA ASP C 85 -2.93 0.44 -12.92
C ASP C 85 -2.15 -0.65 -13.61
N ILE C 86 -1.18 -1.22 -12.90
CA ILE C 86 -0.39 -2.29 -13.45
C ILE C 86 -1.21 -3.57 -13.57
N GLY C 87 -2.12 -3.79 -12.62
CA GLY C 87 -3.03 -4.93 -12.66
C GLY C 87 -2.41 -6.21 -12.11
N ALA C 88 -1.44 -6.08 -11.19
CA ALA C 88 -0.82 -7.22 -10.55
C ALA C 88 -1.70 -7.73 -9.44
N THR C 89 -1.59 -9.01 -9.15
CA THR C 89 -2.25 -9.61 -7.99
C THR C 89 -1.27 -9.58 -6.83
N VAL C 90 -1.71 -9.01 -5.70
CA VAL C 90 -0.91 -9.03 -4.48
C VAL C 90 -1.36 -10.22 -3.63
N HIS C 91 -0.44 -11.15 -3.40
CA HIS C 91 -0.71 -12.34 -2.59
C HIS C 91 -0.45 -12.09 -1.13
N GLU C 92 0.56 -11.30 -0.80
CA GLU C 92 0.87 -11.06 0.59
C GLU C 92 1.53 -9.73 0.79
N LEU C 93 1.15 -9.09 1.89
CA LEU C 93 1.79 -7.90 2.39
C LEU C 93 1.87 -8.06 3.91
N SER C 94 3.09 -8.14 4.46
CA SER C 94 3.24 -8.28 5.92
C SER C 94 4.50 -7.62 6.44
N ARG C 95 4.44 -7.18 7.69
CA ARG C 95 5.52 -6.43 8.32
C ARG C 95 5.49 -6.69 9.83
N ALA D 18 -23.55 -7.13 1.79
CA ALA D 18 -22.12 -6.76 1.73
C ALA D 18 -21.31 -7.50 2.79
N ILE D 19 -19.98 -7.37 2.71
CA ILE D 19 -19.07 -7.89 3.73
C ILE D 19 -19.15 -7.01 4.98
N SER D 20 -19.56 -7.57 6.11
CA SER D 20 -19.64 -6.82 7.35
C SER D 20 -18.49 -7.19 8.26
N LEU D 21 -17.89 -6.19 8.90
CA LEU D 21 -16.82 -6.39 9.85
C LEU D 21 -17.04 -5.52 11.09
N ILE D 22 -17.12 -6.15 12.28
CA ILE D 22 -17.37 -5.43 13.55
C ILE D 22 -16.16 -5.61 14.47
N PHE D 23 -15.71 -4.51 15.06
CA PHE D 23 -14.49 -4.51 15.88
C PHE D 23 -14.45 -3.36 16.87
N SER D 24 -13.69 -3.56 17.94
CA SER D 24 -13.53 -2.53 18.96
CA SER D 24 -13.51 -2.55 19.00
C SER D 24 -12.09 -2.03 18.97
N LEU D 25 -11.91 -0.76 19.33
CA LEU D 25 -10.60 -0.16 19.50
C LEU D 25 -10.55 0.52 20.84
N LYS D 26 -9.37 0.56 21.44
CA LYS D 26 -9.16 1.34 22.65
C LYS D 26 -9.07 2.83 22.30
N GLU D 27 -9.67 3.63 23.17
CA GLU D 27 -9.82 5.08 22.94
C GLU D 27 -8.49 5.82 22.99
N GLU D 28 -8.18 6.54 21.91
CA GLU D 28 -7.00 7.41 21.83
C GLU D 28 -7.12 8.26 20.56
N VAL D 29 -6.45 9.40 20.51
CA VAL D 29 -6.38 10.20 19.28
C VAL D 29 -5.77 9.32 18.16
N GLY D 30 -6.46 9.30 17.01
CA GLY D 30 -5.98 8.58 15.84
C GLY D 30 -6.17 7.06 15.82
N ALA D 31 -6.92 6.51 16.75
CA ALA D 31 -7.19 5.07 16.80
C ALA D 31 -7.79 4.58 15.47
N LEU D 32 -8.88 5.23 15.04
CA LEU D 32 -9.52 4.81 13.82
C LEU D 32 -8.64 5.07 12.60
N ALA D 33 -7.97 6.23 12.57
CA ALA D 33 -7.00 6.56 11.50
C ALA D 33 -6.01 5.41 11.20
N LYS D 34 -5.51 4.76 12.25
CA LYS D 34 -4.53 3.67 12.11
C LYS D 34 -5.12 2.47 11.40
N VAL D 35 -6.35 2.10 11.78
CA VAL D 35 -7.11 0.99 11.16
C VAL D 35 -7.37 1.32 9.70
N LEU D 36 -7.89 2.51 9.43
CA LEU D 36 -8.15 2.89 8.03
C LEU D 36 -6.87 2.90 7.20
N ARG D 37 -5.72 3.25 7.80
CA ARG D 37 -4.44 3.16 7.07
C ARG D 37 -4.15 1.73 6.67
N LEU D 38 -4.34 0.80 7.60
CA LEU D 38 -4.19 -0.63 7.35
C LEU D 38 -5.07 -1.09 6.20
N PHE D 39 -6.34 -0.69 6.26
CA PHE D 39 -7.30 -1.04 5.22
C PHE D 39 -6.83 -0.53 3.88
N GLU D 40 -6.41 0.74 3.83
CA GLU D 40 -5.92 1.36 2.60
C GLU D 40 -4.68 0.65 2.03
N GLU D 41 -3.73 0.25 2.89
CA GLU D 41 -2.55 -0.55 2.45
C GLU D 41 -2.95 -1.89 1.84
N ASN D 42 -4.11 -2.41 2.23
CA ASN D 42 -4.63 -3.70 1.76
C ASN D 42 -5.75 -3.58 0.73
N ASP D 43 -5.89 -2.40 0.11
CA ASP D 43 -6.85 -2.15 -0.92
C ASP D 43 -8.28 -2.37 -0.49
N VAL D 44 -8.57 -2.17 0.80
CA VAL D 44 -9.91 -2.32 1.35
C VAL D 44 -10.63 -0.95 1.23
N ASN D 45 -11.91 -1.01 0.81
CA ASN D 45 -12.74 0.15 0.56
C ASN D 45 -14.01 -0.01 1.29
N LEU D 46 -14.38 0.99 2.10
CA LEU D 46 -15.53 0.88 2.97
C LEU D 46 -16.74 1.41 2.24
N THR D 47 -17.88 0.82 2.55
CA THR D 47 -19.19 1.36 2.11
C THR D 47 -20.06 1.84 3.22
N HIS D 48 -19.69 1.53 4.46
CA HIS D 48 -20.41 2.00 5.62
C HIS D 48 -19.51 1.93 6.88
N ILE D 49 -19.68 2.90 7.77
CA ILE D 49 -19.04 2.89 9.09
C ILE D 49 -19.97 3.58 10.08
N GLU D 50 -20.07 2.99 11.27
CA GLU D 50 -20.80 3.61 12.35
C GLU D 50 -20.08 3.24 13.64
N SER D 51 -19.98 4.21 14.54
CA SER D 51 -19.37 3.96 15.84
C SER D 51 -20.42 3.97 16.96
N ARG D 52 -20.06 3.32 18.06
CA ARG D 52 -20.76 3.52 19.33
C ARG D 52 -19.82 3.21 20.49
N PRO D 53 -20.09 3.80 21.67
CA PRO D 53 -19.33 3.40 22.83
C PRO D 53 -19.49 1.90 23.06
N SER D 54 -18.41 1.23 23.44
CA SER D 54 -18.51 -0.20 23.73
C SER D 54 -19.44 -0.40 24.93
N ARG D 55 -20.37 -1.35 24.81
CA ARG D 55 -21.24 -1.77 25.91
C ARG D 55 -20.62 -2.90 26.74
N LEU D 56 -19.37 -3.30 26.44
CA LEU D 56 -18.58 -4.18 27.30
C LEU D 56 -17.53 -3.39 28.09
N LYS D 57 -16.47 -2.93 27.43
CA LYS D 57 -15.40 -2.14 28.07
C LYS D 57 -15.70 -0.65 28.03
N LYS D 58 -15.18 0.08 29.01
CA LYS D 58 -15.45 1.51 29.19
C LYS D 58 -14.52 2.42 28.38
N ASP D 59 -13.28 1.97 28.12
CA ASP D 59 -12.27 2.80 27.43
C ASP D 59 -12.10 2.41 25.94
N GLU D 60 -13.22 2.03 25.32
CA GLU D 60 -13.24 1.50 23.95
C GLU D 60 -14.49 1.92 23.15
N TYR D 61 -14.34 1.95 21.82
CA TYR D 61 -15.45 2.18 20.90
C TYR D 61 -15.59 0.95 20.01
N GLU D 62 -16.84 0.61 19.69
CA GLU D 62 -17.18 -0.42 18.73
C GLU D 62 -17.48 0.22 17.36
N PHE D 63 -17.02 -0.45 16.30
CA PHE D 63 -17.20 0.04 14.93
C PHE D 63 -17.89 -0.99 14.07
N PHE D 64 -18.93 -0.56 13.36
CA PHE D 64 -19.69 -1.41 12.45
C PHE D 64 -19.35 -0.95 11.04
N THR D 65 -18.72 -1.82 10.24
CA THR D 65 -18.28 -1.46 8.91
C THR D 65 -18.82 -2.44 7.88
N HIS D 66 -19.02 -1.93 6.67
CA HIS D 66 -19.19 -2.77 5.50
C HIS D 66 -18.06 -2.46 4.53
N LEU D 67 -17.55 -3.51 3.87
CA LEU D 67 -16.47 -3.43 2.89
C LEU D 67 -17.02 -3.87 1.54
N ASP D 68 -16.55 -3.26 0.45
CA ASP D 68 -17.02 -3.70 -0.88
C ASP D 68 -16.48 -5.09 -1.26
N LYS D 69 -17.11 -5.71 -2.24
CA LYS D 69 -16.72 -7.06 -2.62
C LYS D 69 -15.28 -7.15 -3.13
N ARG D 70 -14.76 -6.07 -3.73
CA ARG D 70 -13.37 -6.04 -4.17
C ARG D 70 -12.36 -6.12 -3.00
N SER D 71 -12.83 -5.84 -1.79
CA SER D 71 -12.02 -5.97 -0.58
C SER D 71 -11.79 -7.42 -0.13
N LEU D 72 -12.60 -8.35 -0.61
CA LEU D 72 -12.57 -9.76 -0.18
C LEU D 72 -11.18 -10.42 -0.07
N PRO D 73 -10.29 -10.21 -1.05
CA PRO D 73 -8.99 -10.90 -0.94
C PRO D 73 -8.13 -10.50 0.29
N ALA D 74 -8.38 -9.32 0.85
CA ALA D 74 -7.64 -8.85 2.03
C ALA D 74 -8.19 -9.31 3.39
N LEU D 75 -9.36 -9.96 3.46
CA LEU D 75 -10.05 -10.11 4.74
C LEU D 75 -9.25 -10.87 5.79
N THR D 76 -8.66 -11.98 5.39
CA THR D 76 -7.92 -12.78 6.37
C THR D 76 -6.73 -11.98 6.88
N ASN D 77 -6.00 -11.32 5.99
CA ASN D 77 -4.85 -10.46 6.37
C ASN D 77 -5.27 -9.33 7.33
N ILE D 78 -6.28 -8.55 6.97
CA ILE D 78 -6.66 -7.47 7.86
C ILE D 78 -7.15 -7.97 9.25
N ILE D 79 -7.85 -9.10 9.30
CA ILE D 79 -8.38 -9.60 10.60
C ILE D 79 -7.20 -9.94 11.53
N LYS D 80 -6.25 -10.67 10.98
CA LYS D 80 -5.01 -11.04 11.67
C LYS D 80 -4.23 -9.81 12.19
N ILE D 81 -4.06 -8.81 11.34
CA ILE D 81 -3.34 -7.60 11.73
C ILE D 81 -4.11 -6.81 12.78
N LEU D 82 -5.43 -6.73 12.63
CA LEU D 82 -6.29 -6.04 13.61
C LEU D 82 -6.13 -6.56 15.03
N ARG D 83 -6.10 -7.88 15.13
CA ARG D 83 -5.97 -8.55 16.42
C ARG D 83 -4.59 -8.36 17.00
N HIS D 84 -3.60 -8.75 16.22
CA HIS D 84 -2.23 -8.85 16.67
C HIS D 84 -1.54 -7.50 16.79
N ASP D 85 -1.61 -6.68 15.74
CA ASP D 85 -0.85 -5.43 15.67
C ASP D 85 -1.57 -4.22 16.24
N ILE D 86 -2.84 -4.07 15.90
CA ILE D 86 -3.62 -2.92 16.36
C ILE D 86 -4.15 -3.19 17.77
N GLY D 87 -4.28 -4.47 18.16
CA GLY D 87 -4.86 -4.82 19.46
C GLY D 87 -6.36 -4.61 19.54
N ALA D 88 -7.02 -4.65 18.38
CA ALA D 88 -8.47 -4.52 18.32
C ALA D 88 -9.10 -5.83 18.76
N THR D 89 -10.36 -5.78 19.14
CA THR D 89 -11.13 -7.00 19.32
C THR D 89 -12.03 -7.04 18.11
N VAL D 90 -11.94 -8.13 17.34
CA VAL D 90 -12.86 -8.36 16.22
C VAL D 90 -14.00 -9.24 16.72
N HIS D 91 -15.23 -8.75 16.60
CA HIS D 91 -16.42 -9.42 17.13
C HIS D 91 -17.22 -10.19 16.10
N GLU D 92 -17.13 -9.80 14.83
CA GLU D 92 -17.98 -10.40 13.83
C GLU D 92 -17.48 -10.06 12.45
N LEU D 93 -17.40 -11.08 11.60
CA LEU D 93 -17.14 -10.92 10.19
C LEU D 93 -18.17 -11.78 9.47
N SER D 94 -18.73 -11.28 8.38
CA SER D 94 -19.63 -12.07 7.57
C SER D 94 -19.45 -11.72 6.11
N ARG D 95 -19.04 -12.72 5.33
CA ARG D 95 -18.92 -12.63 3.87
C ARG D 95 -20.14 -13.27 3.24
#